data_4DKX
#
_entry.id   4DKX
#
_cell.length_a   36.838
_cell.length_b   96.780
_cell.length_c   109.997
_cell.angle_alpha   90.00
_cell.angle_beta   90.00
_cell.angle_gamma   90.00
#
_symmetry.space_group_name_H-M   'P 2 21 21'
#
loop_
_entity.id
_entity.type
_entity.pdbx_description
1 polymer 'Ras-related protein Rab-6A'
2 non-polymer "GUANOSINE-5'-DIPHOSPHATE"
3 non-polymer 'MAGNESIUM ION'
4 water water
#
_entity_poly.entity_id   1
_entity_poly.type   'polypeptide(L)'
_entity_poly.pdbx_seq_one_letter_code
;MSTGGDFGNPLRKFKLVFLGEQSVGKTSLITRFMYDSFDNTYQATIGIDFLSKTMYLEDRTIRLQLWDTAGLERFRSLIP
SYIRDSAAAVVVYDITNVNSFQQTTKWIDDVRTERGSDVIIMLVGNKTDLADKRQVSIEEGERKAKELNVMFIETSAKAG
YNVKQLFRRVAAALPGMESTQDRSREDMIDIKLEKPQEQPVSEGGCSCLEHHHHHH
;
_entity_poly.pdbx_strand_id   A,B
#
# COMPACT_ATOMS: atom_id res chain seq x y z
N LYS A 13 7.64 -2.43 -23.75
CA LYS A 13 6.23 -1.90 -23.91
C LYS A 13 5.13 -2.93 -23.48
N PHE A 14 4.05 -2.42 -22.88
CA PHE A 14 3.02 -3.26 -22.24
C PHE A 14 1.63 -2.76 -22.55
N LYS A 15 0.80 -3.65 -23.06
CA LYS A 15 -0.55 -3.27 -23.42
C LYS A 15 -1.37 -3.40 -22.14
N LEU A 16 -2.06 -2.32 -21.81
CA LEU A 16 -2.89 -2.23 -20.59
C LEU A 16 -4.30 -1.89 -21.11
N VAL A 17 -5.29 -2.70 -20.76
CA VAL A 17 -6.66 -2.45 -21.18
C VAL A 17 -7.52 -2.05 -19.94
N PHE A 18 -8.38 -1.07 -20.12
CA PHE A 18 -9.34 -0.69 -19.09
C PHE A 18 -10.64 -1.39 -19.40
N LEU A 19 -11.28 -1.99 -18.37
CA LEU A 19 -12.53 -2.71 -18.51
C LEU A 19 -13.47 -2.36 -17.40
N GLY A 20 -14.76 -2.49 -17.68
CA GLY A 20 -15.79 -2.13 -16.67
C GLY A 20 -17.07 -1.63 -17.31
N GLU A 21 -18.15 -1.59 -16.52
CA GLU A 21 -19.44 -1.10 -17.02
C GLU A 21 -19.33 0.34 -17.46
N GLN A 22 -20.32 0.78 -18.27
CA GLN A 22 -20.37 2.17 -18.66
C GLN A 22 -20.46 3.13 -17.51
N SER A 23 -19.71 4.25 -17.56
CA SER A 23 -19.93 5.38 -16.56
C SER A 23 -19.22 5.20 -15.23
N VAL A 24 -18.32 4.20 -15.16
CA VAL A 24 -17.59 3.97 -13.89
C VAL A 24 -16.42 4.91 -13.67
N GLY A 25 -15.84 5.41 -14.79
CA GLY A 25 -14.74 6.44 -14.83
C GLY A 25 -13.46 5.93 -15.51
N LYS A 26 -13.58 4.94 -16.42
CA LYS A 26 -12.45 4.37 -17.12
C LYS A 26 -11.75 5.51 -17.86
N THR A 27 -12.50 6.28 -18.66
CA THR A 27 -11.87 7.41 -19.44
C THR A 27 -11.34 8.44 -18.50
N SER A 28 -12.14 8.77 -17.48
CA SER A 28 -11.68 9.79 -16.52
C SER A 28 -10.37 9.43 -15.80
N LEU A 29 -10.15 8.14 -15.51
CA LEU A 29 -8.91 7.80 -14.83
C LEU A 29 -7.73 7.99 -15.80
N ILE A 30 -7.93 7.58 -17.05
CA ILE A 30 -6.87 7.74 -18.06
C ILE A 30 -6.54 9.22 -18.22
N THR A 31 -7.57 10.04 -18.39
CA THR A 31 -7.44 11.52 -18.54
C THR A 31 -6.69 12.12 -17.42
N ARG A 32 -7.12 11.77 -16.20
CA ARG A 32 -6.44 12.27 -15.02
C ARG A 32 -4.98 11.90 -14.94
N PHE A 33 -4.68 10.65 -15.25
CA PHE A 33 -3.33 10.24 -15.21
C PHE A 33 -2.51 10.88 -16.37
N MET A 34 -3.03 10.86 -17.59
CA MET A 34 -2.22 11.32 -18.76
C MET A 34 -2.10 12.85 -18.81
N TYR A 35 -3.18 13.52 -18.46
CA TYR A 35 -3.22 14.94 -18.73
C TYR A 35 -3.37 15.74 -17.44
N ASP A 36 -3.54 15.02 -16.33
CA ASP A 36 -3.94 15.63 -15.04
C ASP A 36 -5.09 16.59 -15.15
N SER A 37 -6.15 16.21 -15.86
CA SER A 37 -7.37 17.01 -15.86
C SER A 37 -8.61 16.11 -15.64
N PHE A 38 -9.75 16.72 -15.42
CA PHE A 38 -11.01 15.97 -15.29
C PHE A 38 -12.10 16.89 -15.86
N ASP A 39 -13.05 16.34 -16.61
CA ASP A 39 -14.15 17.20 -17.15
C ASP A 39 -15.50 17.12 -16.43
N PHE A 50 -4.86 3.69 -28.51
CA PHE A 50 -4.17 3.81 -27.21
C PHE A 50 -3.39 5.10 -26.98
N LEU A 51 -3.09 5.41 -25.69
CA LEU A 51 -2.18 6.46 -25.28
C LEU A 51 -0.91 5.86 -24.66
N SER A 52 0.23 6.42 -24.99
CA SER A 52 1.48 5.91 -24.47
C SER A 52 1.96 6.69 -23.29
N LYS A 53 2.46 5.98 -22.27
CA LYS A 53 3.03 6.72 -21.12
C LYS A 53 4.29 5.98 -20.73
N THR A 54 5.41 6.70 -20.69
CA THR A 54 6.62 6.05 -20.24
C THR A 54 6.71 6.23 -18.72
N MET A 55 7.04 5.17 -18.04
CA MET A 55 7.34 5.27 -16.64
C MET A 55 8.71 4.77 -16.23
N TYR A 56 9.26 5.43 -15.22
CA TYR A 56 10.63 5.18 -14.80
C TYR A 56 10.59 4.46 -13.48
N LEU A 57 10.99 3.20 -13.51
CA LEU A 57 11.13 2.42 -12.29
C LEU A 57 12.60 2.37 -11.87
N GLU A 58 12.84 2.09 -10.58
CA GLU A 58 14.21 2.01 -10.04
C GLU A 58 15.24 1.53 -11.06
N ASP A 59 15.10 0.29 -11.53
CA ASP A 59 16.07 -0.26 -12.47
C ASP A 59 15.59 -0.34 -13.93
N ARG A 60 14.31 -0.06 -14.16
CA ARG A 60 13.73 -0.24 -15.48
C ARG A 60 13.10 1.03 -16.00
N THR A 61 12.97 1.09 -17.30
CA THR A 61 12.14 2.10 -17.92
C THR A 61 11.19 1.43 -18.89
N ILE A 62 9.89 1.62 -18.67
CA ILE A 62 8.88 0.92 -19.44
C ILE A 62 7.85 1.88 -20.06
N ARG A 63 7.20 1.44 -21.14
CA ARG A 63 6.16 2.17 -21.81
C ARG A 63 4.84 1.41 -21.67
N LEU A 64 3.85 2.09 -21.15
CA LEU A 64 2.51 1.52 -20.99
C LEU A 64 1.74 2.02 -22.18
N GLN A 65 0.99 1.15 -22.84
CA GLN A 65 0.04 1.60 -23.82
C GLN A 65 -1.35 1.43 -23.22
N LEU A 66 -2.04 2.54 -22.97
CA LEU A 66 -3.37 2.55 -22.33
C LEU A 66 -4.48 2.50 -23.36
N TRP A 67 -5.21 1.37 -23.41
CA TRP A 67 -6.26 1.15 -24.35
C TRP A 67 -7.55 1.41 -23.59
N ASP A 68 -8.38 2.31 -24.13
CA ASP A 68 -9.70 2.64 -23.59
C ASP A 68 -10.70 2.59 -24.73
N THR A 69 -11.88 2.05 -24.48
CA THR A 69 -12.96 2.05 -25.42
C THR A 69 -14.29 2.12 -24.67
N ALA A 70 -15.29 2.66 -25.37
CA ALA A 70 -16.66 2.62 -24.94
C ALA A 70 -17.25 1.40 -25.61
N GLY A 71 -18.44 0.99 -25.18
CA GLY A 71 -19.22 -0.02 -25.90
C GLY A 71 -18.98 -1.48 -25.67
N LEU A 72 -17.88 -1.84 -24.99
CA LEU A 72 -17.53 -3.25 -24.87
C LEU A 72 -18.57 -4.14 -24.20
N GLU A 73 -19.32 -3.60 -23.23
CA GLU A 73 -20.39 -4.38 -22.57
C GLU A 73 -21.52 -4.72 -23.55
N ARG A 74 -21.64 -3.93 -24.62
CA ARG A 74 -22.68 -4.19 -25.64
C ARG A 74 -22.20 -5.15 -26.72
N PHE A 75 -20.90 -5.11 -27.01
CA PHE A 75 -20.33 -5.93 -28.07
C PHE A 75 -19.41 -6.96 -27.45
N ARG A 76 -20.00 -7.84 -26.67
CA ARG A 76 -19.26 -8.84 -25.92
C ARG A 76 -18.31 -9.72 -26.72
N SER A 77 -18.73 -10.10 -27.93
CA SER A 77 -17.91 -11.00 -28.78
C SER A 77 -16.60 -10.36 -29.19
N LEU A 78 -16.52 -9.04 -29.12
CA LEU A 78 -15.27 -8.33 -29.41
C LEU A 78 -14.29 -8.33 -28.23
N ILE A 79 -14.76 -8.70 -27.03
CA ILE A 79 -13.84 -8.67 -25.85
C ILE A 79 -12.52 -9.43 -26.07
N PRO A 80 -12.58 -10.73 -26.45
CA PRO A 80 -11.32 -11.45 -26.72
C PRO A 80 -10.37 -10.71 -27.66
N SER A 81 -10.88 -10.18 -28.75
CA SER A 81 -9.94 -9.55 -29.66
C SER A 81 -9.47 -8.20 -29.15
N TYR A 82 -10.34 -7.45 -28.45
CA TYR A 82 -9.92 -6.14 -27.91
C TYR A 82 -8.86 -6.36 -26.89
N ILE A 83 -8.98 -7.40 -26.07
CA ILE A 83 -7.99 -7.58 -24.99
C ILE A 83 -6.81 -8.51 -25.32
N ARG A 84 -6.78 -8.93 -26.59
CA ARG A 84 -5.81 -9.93 -27.06
C ARG A 84 -4.40 -9.82 -26.49
N ASP A 85 -3.64 -8.78 -26.63
CA ASP A 85 -2.27 -9.23 -26.10
C ASP A 85 -1.88 -8.56 -24.76
N SER A 86 -2.89 -8.33 -23.93
CA SER A 86 -2.69 -7.47 -22.74
C SER A 86 -1.75 -8.04 -21.67
N ALA A 87 -0.82 -7.22 -21.23
CA ALA A 87 0.01 -7.52 -20.07
C ALA A 87 -0.72 -7.19 -18.74
N ALA A 88 -1.65 -6.22 -18.81
CA ALA A 88 -2.39 -5.73 -17.58
C ALA A 88 -3.81 -5.38 -18.01
N ALA A 89 -4.78 -5.60 -17.08
CA ALA A 89 -6.09 -5.18 -17.30
C ALA A 89 -6.50 -4.40 -15.99
N VAL A 90 -7.10 -3.26 -16.16
CA VAL A 90 -7.55 -2.46 -14.98
C VAL A 90 -9.06 -2.51 -15.09
N VAL A 91 -9.69 -3.11 -14.08
CA VAL A 91 -11.11 -3.46 -14.16
C VAL A 91 -11.73 -2.52 -13.14
N VAL A 92 -12.58 -1.63 -13.64
CA VAL A 92 -13.07 -0.48 -12.81
C VAL A 92 -14.53 -0.63 -12.47
N TYR A 93 -14.91 -0.33 -11.21
CA TYR A 93 -16.34 -0.18 -10.92
C TYR A 93 -16.51 1.16 -10.18
N ASP A 94 -17.77 1.51 -9.95
CA ASP A 94 -18.08 2.77 -9.28
C ASP A 94 -18.58 2.37 -7.89
N ILE A 95 -17.97 2.91 -6.85
CA ILE A 95 -18.27 2.52 -5.49
C ILE A 95 -19.74 2.87 -5.07
N THR A 96 -20.39 3.71 -5.87
CA THR A 96 -21.82 4.10 -5.56
C THR A 96 -22.77 3.22 -6.34
N ASN A 97 -22.22 2.28 -7.15
CA ASN A 97 -23.07 1.52 -8.07
C ASN A 97 -22.83 0.00 -7.89
N VAL A 98 -23.72 -0.66 -7.14
CA VAL A 98 -23.53 -2.07 -6.79
C VAL A 98 -23.48 -2.99 -8.03
N ASN A 99 -24.33 -2.72 -9.02
CA ASN A 99 -24.30 -3.51 -10.26
C ASN A 99 -22.93 -3.47 -10.94
N SER A 100 -22.35 -2.27 -11.00
CA SER A 100 -21.01 -2.11 -11.61
C SER A 100 -19.96 -2.96 -10.86
N PHE A 101 -20.06 -3.02 -9.54
CA PHE A 101 -19.19 -3.89 -8.77
C PHE A 101 -19.46 -5.37 -9.02
N GLN A 102 -20.73 -5.78 -8.97
CA GLN A 102 -21.03 -7.18 -9.28
C GLN A 102 -20.52 -7.68 -10.65
N GLN A 103 -20.57 -6.81 -11.65
CA GLN A 103 -20.12 -7.16 -13.02
C GLN A 103 -18.61 -7.32 -13.13
N THR A 104 -17.86 -6.88 -12.12
CA THR A 104 -16.36 -7.02 -12.25
C THR A 104 -15.85 -8.51 -12.26
N THR A 105 -16.59 -9.43 -11.66
CA THR A 105 -16.22 -10.87 -11.76
C THR A 105 -16.24 -11.33 -13.21
N LYS A 106 -17.27 -10.88 -13.92
CA LYS A 106 -17.45 -11.20 -15.35
C LYS A 106 -16.27 -10.62 -16.16
N TRP A 107 -15.89 -9.36 -15.90
CA TRP A 107 -14.78 -8.74 -16.62
C TRP A 107 -13.49 -9.52 -16.35
N ILE A 108 -13.27 -9.83 -15.07
CA ILE A 108 -12.04 -10.54 -14.68
C ILE A 108 -12.02 -11.95 -15.31
N ASP A 109 -13.15 -12.66 -15.28
CA ASP A 109 -13.22 -13.94 -16.00
C ASP A 109 -12.88 -13.81 -17.49
N ASP A 110 -13.35 -12.74 -18.16
CA ASP A 110 -12.96 -12.45 -19.56
C ASP A 110 -11.46 -12.29 -19.70
N VAL A 111 -10.83 -11.57 -18.79
CA VAL A 111 -9.35 -11.46 -18.85
C VAL A 111 -8.68 -12.82 -18.65
N ARG A 112 -9.10 -13.60 -17.68
CA ARG A 112 -8.40 -14.87 -17.44
C ARG A 112 -8.59 -15.88 -18.58
N THR A 113 -9.79 -15.84 -19.19
CA THR A 113 -10.11 -16.75 -20.27
C THR A 113 -9.16 -16.43 -21.41
N GLU A 114 -8.99 -15.15 -21.68
CA GLU A 114 -8.12 -14.72 -22.80
C GLU A 114 -6.65 -14.77 -22.49
N ARG A 115 -6.26 -14.44 -21.26
CA ARG A 115 -4.85 -14.25 -20.94
C ARG A 115 -4.26 -15.22 -19.92
N GLY A 116 -5.09 -16.06 -19.27
CA GLY A 116 -4.57 -16.94 -18.21
C GLY A 116 -4.01 -16.16 -17.04
N SER A 117 -2.95 -16.70 -16.42
CA SER A 117 -2.09 -16.01 -15.45
C SER A 117 -0.98 -15.06 -16.02
N ASP A 118 -0.87 -14.92 -17.35
CA ASP A 118 0.12 -13.97 -17.94
C ASP A 118 -0.43 -12.53 -18.01
N VAL A 119 -0.96 -12.03 -16.89
CA VAL A 119 -1.57 -10.69 -16.92
C VAL A 119 -1.74 -10.20 -15.51
N ILE A 120 -1.36 -8.95 -15.28
CA ILE A 120 -1.54 -8.27 -14.00
C ILE A 120 -3.00 -7.72 -14.02
N ILE A 121 -3.77 -7.94 -12.97
CA ILE A 121 -5.09 -7.37 -12.96
C ILE A 121 -5.19 -6.47 -11.72
N MET A 122 -5.78 -5.27 -11.93
CA MET A 122 -6.00 -4.34 -10.81
C MET A 122 -7.52 -4.04 -10.84
N LEU A 123 -8.16 -4.29 -9.68
CA LEU A 123 -9.58 -4.07 -9.50
C LEU A 123 -9.63 -2.71 -8.83
N VAL A 124 -10.42 -1.79 -9.39
CA VAL A 124 -10.38 -0.42 -8.93
C VAL A 124 -11.78 0.03 -8.52
N GLY A 125 -11.94 0.40 -7.26
CA GLY A 125 -13.16 1.12 -6.90
C GLY A 125 -13.05 2.60 -7.05
N ASN A 126 -13.73 3.18 -8.05
CA ASN A 126 -13.56 4.63 -8.35
C ASN A 126 -14.72 5.44 -7.82
N LYS A 127 -14.52 6.75 -7.78
CA LYS A 127 -15.50 7.78 -7.26
C LYS A 127 -15.54 7.86 -5.74
N THR A 128 -14.38 7.66 -5.05
CA THR A 128 -14.35 7.74 -3.55
C THR A 128 -14.81 9.14 -3.04
N ASP A 129 -14.72 10.17 -3.86
CA ASP A 129 -15.21 11.52 -3.42
C ASP A 129 -16.76 11.54 -3.24
N LEU A 130 -17.50 10.63 -3.87
CA LEU A 130 -18.98 10.54 -3.67
C LEU A 130 -19.31 9.79 -2.40
N ALA A 131 -18.75 10.28 -1.28
CA ALA A 131 -18.63 9.43 -0.09
C ALA A 131 -20.06 9.09 0.46
N ASP A 132 -20.98 10.05 0.37
CA ASP A 132 -22.29 9.74 0.98
C ASP A 132 -23.13 8.80 0.11
N LYS A 133 -22.70 8.58 -1.16
CA LYS A 133 -23.45 7.65 -2.02
C LYS A 133 -22.83 6.26 -2.15
N ARG A 134 -21.74 6.05 -1.45
CA ARG A 134 -21.06 4.74 -1.44
C ARG A 134 -22.03 3.61 -1.12
N GLN A 135 -22.03 2.57 -1.97
CA GLN A 135 -22.72 1.30 -1.71
C GLN A 135 -21.81 0.09 -1.52
N VAL A 136 -20.55 0.20 -1.92
CA VAL A 136 -19.67 -1.00 -1.79
C VAL A 136 -18.61 -0.60 -0.83
N SER A 137 -18.56 -1.18 0.36
CA SER A 137 -17.50 -0.71 1.29
C SER A 137 -16.15 -1.10 0.74
N ILE A 138 -15.13 -0.39 1.20
CA ILE A 138 -13.74 -0.74 0.82
C ILE A 138 -13.41 -2.22 1.19
N GLU A 139 -13.96 -2.73 2.34
CA GLU A 139 -13.79 -4.11 2.76
C GLU A 139 -14.34 -5.14 1.77
N GLU A 140 -15.50 -4.84 1.18
CA GLU A 140 -16.10 -5.74 0.17
C GLU A 140 -15.24 -5.69 -1.10
N GLY A 141 -14.75 -4.52 -1.51
CA GLY A 141 -13.87 -4.49 -2.66
C GLY A 141 -12.60 -5.29 -2.40
N GLU A 142 -11.97 -5.06 -1.27
CA GLU A 142 -10.76 -5.86 -0.88
C GLU A 142 -11.01 -7.37 -0.86
N ARG A 143 -12.20 -7.79 -0.39
CA ARG A 143 -12.50 -9.22 -0.29
C ARG A 143 -12.64 -9.79 -1.68
N LYS A 144 -13.41 -9.13 -2.53
CA LYS A 144 -13.51 -9.63 -3.91
C LYS A 144 -12.14 -9.75 -4.60
N ALA A 145 -11.30 -8.74 -4.43
CA ALA A 145 -9.97 -8.84 -5.01
C ALA A 145 -9.16 -10.05 -4.52
N LYS A 146 -9.24 -10.32 -3.21
CA LYS A 146 -8.56 -11.40 -2.59
C LYS A 146 -9.15 -12.70 -3.10
N GLU A 147 -10.51 -12.82 -3.13
CA GLU A 147 -11.19 -14.00 -3.68
C GLU A 147 -10.69 -14.39 -5.09
N LEU A 148 -10.44 -13.37 -5.92
CA LEU A 148 -10.14 -13.57 -7.34
C LEU A 148 -8.62 -13.49 -7.54
N ASN A 149 -7.88 -13.25 -6.45
CA ASN A 149 -6.38 -13.13 -6.47
C ASN A 149 -5.93 -11.97 -7.40
N VAL A 150 -6.57 -10.79 -7.30
CA VAL A 150 -6.13 -9.66 -8.10
C VAL A 150 -5.69 -8.52 -7.20
N MET A 151 -5.07 -7.49 -7.74
CA MET A 151 -4.69 -6.34 -6.94
C MET A 151 -5.91 -5.46 -6.77
N PHE A 152 -5.84 -4.58 -5.77
CA PHE A 152 -7.03 -3.76 -5.49
C PHE A 152 -6.59 -2.37 -5.10
N ILE A 153 -7.37 -1.36 -5.51
CA ILE A 153 -7.15 0.00 -5.01
C ILE A 153 -8.46 0.77 -5.14
N GLU A 154 -8.61 1.84 -4.35
CA GLU A 154 -9.72 2.78 -4.60
C GLU A 154 -9.14 4.14 -5.03
N THR A 155 -9.87 4.81 -5.90
CA THR A 155 -9.47 6.06 -6.53
C THR A 155 -10.61 7.09 -6.57
N SER A 156 -10.23 8.36 -6.72
CA SER A 156 -11.16 9.38 -7.29
C SER A 156 -10.44 10.06 -8.44
N ALA A 157 -10.87 9.78 -9.68
CA ALA A 157 -10.38 10.49 -10.84
C ALA A 157 -10.67 12.00 -10.75
N LYS A 158 -11.87 12.34 -10.22
CA LYS A 158 -12.26 13.73 -10.03
C LYS A 158 -11.31 14.48 -9.04
N ALA A 159 -11.04 13.93 -7.88
CA ALA A 159 -10.22 14.59 -6.89
C ALA A 159 -8.74 14.35 -7.23
N GLY A 160 -8.44 13.34 -8.05
CA GLY A 160 -7.03 13.00 -8.28
C GLY A 160 -6.52 12.12 -7.12
N TYR A 161 -7.37 11.34 -6.47
CA TYR A 161 -6.94 10.59 -5.31
C TYR A 161 -6.51 9.18 -5.82
N ASN A 162 -5.23 8.79 -5.61
CA ASN A 162 -4.76 7.40 -5.83
C ASN A 162 -4.64 7.02 -7.28
N VAL A 163 -4.70 8.02 -8.16
CA VAL A 163 -4.65 7.74 -9.58
C VAL A 163 -3.21 7.44 -9.96
N LYS A 164 -2.28 8.28 -9.52
CA LYS A 164 -0.85 7.96 -9.78
C LYS A 164 -0.43 6.66 -9.07
N GLN A 165 -0.95 6.40 -7.85
CA GLN A 165 -0.68 5.15 -7.16
C GLN A 165 -1.11 3.89 -7.95
N LEU A 166 -2.28 3.99 -8.55
CA LEU A 166 -2.80 2.90 -9.35
C LEU A 166 -1.80 2.48 -10.46
N PHE A 167 -1.39 3.46 -11.25
CA PHE A 167 -0.46 3.23 -12.34
C PHE A 167 0.94 2.86 -11.89
N ARG A 168 1.40 3.42 -10.80
CA ARG A 168 2.74 3.00 -10.34
C ARG A 168 2.74 1.56 -9.82
N ARG A 169 1.66 1.11 -9.13
CA ARG A 169 1.59 -0.28 -8.65
C ARG A 169 1.54 -1.29 -9.83
N VAL A 170 0.67 -1.00 -10.80
CA VAL A 170 0.52 -1.82 -12.00
C VAL A 170 1.92 -1.81 -12.66
N ALA A 171 2.53 -0.64 -12.82
CA ALA A 171 3.82 -0.65 -13.58
C ALA A 171 4.92 -1.45 -12.88
N ALA A 172 4.96 -1.35 -11.56
CA ALA A 172 5.89 -2.18 -10.77
C ALA A 172 5.65 -3.65 -10.83
N ALA A 173 4.45 -4.10 -11.14
CA ALA A 173 4.10 -5.51 -11.14
C ALA A 173 4.40 -6.18 -12.52
N LEU A 174 4.65 -5.37 -13.55
CA LEU A 174 4.77 -5.91 -14.90
C LEU A 174 6.10 -6.69 -15.06
N ARG B 12 13.94 3.03 34.37
CA ARG B 12 12.97 2.14 33.64
C ARG B 12 13.44 1.91 32.18
N LYS B 13 13.75 0.66 31.84
CA LYS B 13 14.15 0.29 30.50
C LYS B 13 13.04 -0.50 29.76
N PHE B 14 12.91 -0.24 28.47
CA PHE B 14 11.86 -0.86 27.70
C PHE B 14 12.45 -1.37 26.41
N LYS B 15 12.01 -2.56 26.05
CA LYS B 15 12.46 -3.21 24.80
C LYS B 15 11.53 -2.74 23.65
N LEU B 16 12.16 -2.25 22.58
CA LEU B 16 11.41 -1.86 21.40
C LEU B 16 11.98 -2.64 20.23
N VAL B 17 11.13 -3.33 19.50
CA VAL B 17 11.52 -4.11 18.34
C VAL B 17 11.01 -3.46 17.02
N PHE B 18 11.93 -3.27 16.07
CA PHE B 18 11.58 -2.92 14.69
C PHE B 18 11.22 -4.18 13.90
N LEU B 19 10.14 -4.06 13.13
CA LEU B 19 9.73 -5.11 12.21
C LEU B 19 9.33 -4.51 10.89
N GLY B 20 9.45 -5.29 9.81
CA GLY B 20 8.97 -4.79 8.50
C GLY B 20 9.79 -5.55 7.45
N GLU B 21 9.42 -5.41 6.19
CA GLU B 21 10.06 -6.20 5.12
C GLU B 21 11.43 -5.60 4.89
N GLN B 22 12.28 -6.36 4.18
CA GLN B 22 13.63 -5.89 3.88
C GLN B 22 13.55 -4.55 3.08
N SER B 23 14.48 -3.62 3.35
CA SER B 23 14.73 -2.43 2.53
C SER B 23 13.68 -1.27 2.75
N VAL B 24 12.85 -1.39 3.82
CA VAL B 24 11.84 -0.33 4.07
C VAL B 24 12.44 0.80 4.84
N GLY B 25 13.61 0.56 5.43
CA GLY B 25 14.39 1.61 6.12
C GLY B 25 14.37 1.52 7.65
N LYS B 26 14.22 0.31 8.19
CA LYS B 26 14.26 0.03 9.68
C LYS B 26 15.65 0.47 10.20
N THR B 27 16.71 -0.08 9.59
CA THR B 27 18.05 0.30 10.03
C THR B 27 18.32 1.83 9.92
N SER B 28 17.82 2.45 8.85
CA SER B 28 18.15 3.88 8.63
C SER B 28 17.40 4.74 9.65
N LEU B 29 16.15 4.35 9.99
CA LEU B 29 15.44 5.07 11.04
C LEU B 29 16.18 5.01 12.39
N ILE B 30 16.65 3.82 12.78
CA ILE B 30 17.45 3.67 14.01
C ILE B 30 18.76 4.52 13.96
N THR B 31 19.45 4.45 12.85
CA THR B 31 20.70 5.17 12.67
C THR B 31 20.45 6.68 12.70
N ARG B 32 19.42 7.14 11.98
CA ARG B 32 19.06 8.56 12.02
C ARG B 32 18.74 9.04 13.46
N PHE B 33 17.96 8.24 14.18
CA PHE B 33 17.63 8.52 15.55
C PHE B 33 18.86 8.47 16.49
N MET B 34 19.67 7.43 16.36
CA MET B 34 20.76 7.19 17.30
C MET B 34 21.94 8.09 17.05
N TYR B 35 22.33 8.24 15.78
CA TYR B 35 23.60 8.84 15.40
C TYR B 35 23.45 10.10 14.51
N ASP B 36 22.21 10.48 14.25
CA ASP B 36 21.87 11.48 13.25
C ASP B 36 22.69 11.36 11.98
N SER B 37 22.72 10.17 11.41
CA SER B 37 23.35 10.00 10.12
C SER B 37 22.47 9.12 9.22
N PHE B 38 22.80 9.08 7.94
CA PHE B 38 22.05 8.26 7.02
C PHE B 38 23.05 7.52 6.14
N ILE B 48 21.12 -9.44 14.36
CA ILE B 48 20.25 -9.11 15.47
C ILE B 48 20.82 -8.04 16.40
N ASP B 49 20.91 -6.80 15.91
CA ASP B 49 21.62 -5.79 16.60
C ASP B 49 20.65 -5.32 17.66
N PHE B 50 21.19 -4.79 18.73
CA PHE B 50 20.36 -4.11 19.69
C PHE B 50 21.27 -3.15 20.34
N LEU B 51 20.73 -1.99 20.71
CA LEU B 51 21.47 -0.94 21.37
C LEU B 51 20.43 -0.05 22.10
N SER B 52 20.88 0.75 23.06
CA SER B 52 20.02 1.51 23.97
C SER B 52 20.22 2.98 23.91
N LYS B 53 19.17 3.74 24.29
CA LYS B 53 19.33 5.17 24.36
C LYS B 53 18.36 5.70 25.38
N THR B 54 18.82 6.68 26.16
CA THR B 54 17.99 7.28 27.18
C THR B 54 17.20 8.45 26.59
N MET B 55 15.93 8.57 26.99
CA MET B 55 15.06 9.62 26.50
C MET B 55 14.55 10.42 27.67
N TYR B 56 14.69 11.74 27.55
CA TYR B 56 14.28 12.69 28.55
C TYR B 56 13.00 13.31 28.07
N LEU B 57 11.88 12.85 28.58
CA LEU B 57 10.60 13.46 28.29
C LEU B 57 10.14 14.34 29.48
N GLU B 58 9.01 14.98 29.33
CA GLU B 58 8.46 15.94 30.29
C GLU B 58 8.45 15.42 31.74
N ASP B 59 7.70 14.37 32.02
CA ASP B 59 7.55 14.00 33.42
C ASP B 59 8.36 12.77 33.80
N ARG B 60 9.32 12.39 32.96
CA ARG B 60 10.15 11.19 33.22
C ARG B 60 11.28 10.89 32.23
N THR B 61 12.16 9.99 32.69
CA THR B 61 13.33 9.55 31.96
C THR B 61 13.24 8.02 31.79
N ILE B 62 13.35 7.57 30.54
CA ILE B 62 13.28 6.14 30.25
C ILE B 62 14.46 5.76 29.35
N ARG B 63 14.78 4.48 29.31
CA ARG B 63 15.85 4.07 28.41
C ARG B 63 15.20 3.07 27.46
N LEU B 64 15.39 3.25 26.17
CA LEU B 64 14.84 2.32 25.19
C LEU B 64 15.92 1.40 24.74
N GLN B 65 15.61 0.11 24.68
CA GLN B 65 16.55 -0.85 24.07
C GLN B 65 16.00 -1.23 22.67
N LEU B 66 16.66 -0.74 21.62
CA LEU B 66 16.15 -0.84 20.26
C LEU B 66 16.73 -2.08 19.58
N TRP B 67 15.89 -2.94 19.07
CA TRP B 67 16.30 -4.18 18.36
C TRP B 67 16.01 -4.03 16.91
N ASP B 68 16.85 -4.63 16.09
CA ASP B 68 16.67 -4.54 14.65
C ASP B 68 17.28 -5.86 14.17
N THR B 69 16.73 -6.42 13.12
CA THR B 69 17.29 -7.66 12.54
C THR B 69 17.15 -7.59 11.06
N ALA B 70 17.75 -8.59 10.41
CA ALA B 70 17.61 -8.84 8.99
C ALA B 70 17.39 -10.35 8.84
N GLY B 71 16.32 -10.75 8.14
CA GLY B 71 16.15 -12.11 7.64
C GLY B 71 15.15 -12.97 8.37
N LEU B 72 14.48 -12.40 9.35
CA LEU B 72 13.57 -13.17 10.20
C LEU B 72 12.32 -13.65 9.44
N GLU B 73 12.01 -13.04 8.29
CA GLU B 73 10.88 -13.51 7.47
C GLU B 73 11.19 -14.93 6.91
N ARG B 74 12.49 -15.27 6.85
CA ARG B 74 13.00 -16.62 6.55
C ARG B 74 12.97 -17.63 7.74
N PHE B 75 12.80 -17.12 8.95
CA PHE B 75 12.91 -17.92 10.14
C PHE B 75 11.71 -17.73 11.07
N ARG B 76 10.53 -17.99 10.53
CA ARG B 76 9.26 -17.75 11.26
C ARG B 76 9.29 -18.19 12.71
N SER B 77 9.95 -19.33 12.98
CA SER B 77 9.95 -19.92 14.31
C SER B 77 10.70 -19.03 15.32
N LEU B 78 11.57 -18.15 14.83
CA LEU B 78 12.29 -17.23 15.74
C LEU B 78 11.56 -15.91 16.09
N ILE B 79 10.43 -15.65 15.42
CA ILE B 79 9.80 -14.35 15.50
C ILE B 79 9.25 -14.11 16.88
N PRO B 80 8.61 -15.15 17.49
CA PRO B 80 8.07 -14.95 18.84
C PRO B 80 9.12 -14.55 19.89
N SER B 81 10.29 -15.16 19.77
CA SER B 81 11.43 -14.93 20.63
C SER B 81 12.01 -13.57 20.43
N TYR B 82 11.99 -13.12 19.17
CA TYR B 82 12.42 -11.75 18.86
C TYR B 82 11.50 -10.75 19.52
N ILE B 83 10.20 -10.94 19.37
CA ILE B 83 9.23 -10.05 19.94
C ILE B 83 9.09 -10.15 21.50
N ARG B 84 9.48 -11.29 22.03
CA ARG B 84 9.25 -11.61 23.44
C ARG B 84 9.41 -10.47 24.42
N ASP B 85 10.43 -9.73 24.55
CA ASP B 85 9.89 -8.97 25.82
C ASP B 85 9.27 -7.53 25.62
N SER B 86 8.69 -7.30 24.44
CA SER B 86 8.61 -5.92 23.96
C SER B 86 7.52 -5.14 24.59
N ALA B 87 7.87 -3.95 25.02
CA ALA B 87 6.90 -2.98 25.43
C ALA B 87 6.41 -2.21 24.21
N ALA B 88 7.21 -2.19 23.13
CA ALA B 88 6.87 -1.39 21.97
C ALA B 88 7.35 -2.09 20.70
N ALA B 89 6.57 -1.95 19.63
CA ALA B 89 7.01 -2.49 18.32
C ALA B 89 6.80 -1.38 17.29
N VAL B 90 7.80 -1.17 16.43
CA VAL B 90 7.65 -0.16 15.36
C VAL B 90 7.65 -1.02 14.08
N VAL B 91 6.54 -0.95 13.38
CA VAL B 91 6.29 -1.77 12.23
C VAL B 91 6.39 -0.83 11.02
N VAL B 92 7.40 -1.04 10.19
CA VAL B 92 7.73 -0.09 9.13
C VAL B 92 7.39 -0.63 7.74
N TYR B 93 6.78 0.24 6.89
CA TYR B 93 6.73 -0.01 5.47
C TYR B 93 7.30 1.11 4.66
N ASP B 94 7.49 0.84 3.35
CA ASP B 94 7.95 1.83 2.40
C ASP B 94 6.78 2.36 1.63
N ILE B 95 6.55 3.68 1.74
CA ILE B 95 5.39 4.26 1.02
C ILE B 95 5.48 4.10 -0.54
N THR B 96 6.67 3.76 -1.04
CA THR B 96 6.80 3.44 -2.48
C THR B 96 6.54 2.03 -2.84
N ASN B 97 6.16 1.22 -1.88
CA ASN B 97 6.12 -0.21 -2.15
C ASN B 97 4.89 -0.85 -1.46
N VAL B 98 3.86 -1.07 -2.25
CA VAL B 98 2.57 -1.53 -1.72
C VAL B 98 2.69 -2.90 -1.04
N ASN B 99 3.47 -3.82 -1.61
CA ASN B 99 3.71 -5.09 -0.90
C ASN B 99 4.23 -4.97 0.56
N SER B 100 5.19 -4.06 0.78
CA SER B 100 5.71 -3.82 2.14
C SER B 100 4.61 -3.32 3.11
N PHE B 101 3.67 -2.55 2.58
CA PHE B 101 2.55 -2.07 3.33
C PHE B 101 1.61 -3.21 3.64
N GLN B 102 1.26 -3.98 2.61
CA GLN B 102 0.39 -5.17 2.85
C GLN B 102 0.94 -6.06 3.93
N GLN B 103 2.27 -6.29 3.92
CA GLN B 103 2.87 -7.19 4.93
C GLN B 103 2.78 -6.68 6.41
N THR B 104 2.55 -5.39 6.61
CA THR B 104 2.54 -4.87 7.97
C THR B 104 1.43 -5.50 8.83
N THR B 105 0.33 -5.89 8.19
CA THR B 105 -0.78 -6.52 8.93
C THR B 105 -0.30 -7.82 9.56
N LYS B 106 0.48 -8.58 8.79
CA LYS B 106 1.05 -9.83 9.27
C LYS B 106 2.05 -9.59 10.42
N TRP B 107 2.93 -8.57 10.31
CA TRP B 107 3.94 -8.32 11.37
C TRP B 107 3.19 -7.86 12.66
N ILE B 108 2.15 -7.07 12.47
CA ILE B 108 1.38 -6.55 13.61
C ILE B 108 0.62 -7.76 14.28
N ASP B 109 0.04 -8.64 13.47
CA ASP B 109 -0.52 -9.90 14.03
C ASP B 109 0.52 -10.70 14.85
N ASP B 110 1.78 -10.78 14.37
CA ASP B 110 2.87 -11.43 15.11
C ASP B 110 3.15 -10.80 16.45
N VAL B 111 3.10 -9.45 16.50
CA VAL B 111 3.26 -8.70 17.74
C VAL B 111 2.08 -9.05 18.66
N ARG B 112 0.84 -9.05 18.15
CA ARG B 112 -0.36 -9.33 19.00
C ARG B 112 -0.29 -10.76 19.55
N THR B 113 0.14 -11.69 18.70
CA THR B 113 0.27 -13.09 19.12
C THR B 113 1.15 -13.21 20.35
N GLU B 114 2.27 -12.47 20.34
CA GLU B 114 3.25 -12.57 21.44
C GLU B 114 2.89 -11.72 22.61
N ARG B 115 2.33 -10.54 22.34
CA ARG B 115 2.21 -9.54 23.37
C ARG B 115 0.78 -9.16 23.75
N GLY B 116 -0.22 -9.53 22.96
CA GLY B 116 -1.62 -9.12 23.22
C GLY B 116 -1.73 -7.60 23.14
N SER B 117 -2.38 -6.97 24.11
CA SER B 117 -2.35 -5.49 24.12
C SER B 117 -1.36 -4.95 25.12
N ASP B 118 -0.47 -5.82 25.60
CA ASP B 118 0.57 -5.39 26.52
C ASP B 118 1.76 -4.84 25.71
N VAL B 119 1.48 -3.89 24.81
CA VAL B 119 2.50 -3.41 23.82
C VAL B 119 1.98 -2.15 23.14
N ILE B 120 2.89 -1.22 22.88
CA ILE B 120 2.59 -0.01 22.14
C ILE B 120 3.06 -0.30 20.73
N ILE B 121 2.21 -0.04 19.73
CA ILE B 121 2.62 -0.34 18.34
C ILE B 121 2.47 0.93 17.53
N MET B 122 3.54 1.27 16.79
CA MET B 122 3.58 2.37 15.86
C MET B 122 3.74 1.81 14.47
N LEU B 123 2.77 2.12 13.60
CA LEU B 123 2.90 1.79 12.16
C LEU B 123 3.55 3.00 11.46
N VAL B 124 4.60 2.75 10.69
CA VAL B 124 5.40 3.87 10.10
C VAL B 124 5.45 3.69 8.58
N GLY B 125 4.95 4.68 7.84
CA GLY B 125 5.16 4.73 6.35
C GLY B 125 6.45 5.55 6.15
N ASN B 126 7.57 4.88 5.81
CA ASN B 126 8.85 5.61 5.63
C ASN B 126 9.15 5.99 4.14
N LYS B 127 10.11 6.89 3.90
CA LYS B 127 10.55 7.37 2.59
C LYS B 127 9.58 8.46 2.01
N THR B 128 9.02 9.34 2.89
CA THR B 128 8.15 10.41 2.37
C THR B 128 8.88 11.33 1.35
N ASP B 129 10.22 11.36 1.37
CA ASP B 129 10.91 12.18 0.41
C ASP B 129 10.86 11.58 -1.04
N LEU B 130 10.40 10.32 -1.16
CA LEU B 130 10.21 9.71 -2.48
C LEU B 130 8.77 9.84 -2.87
N ALA B 131 8.27 11.04 -2.65
CA ALA B 131 6.86 11.35 -2.93
C ALA B 131 6.50 11.04 -4.41
N ASP B 132 7.40 11.25 -5.36
CA ASP B 132 7.05 11.02 -6.73
C ASP B 132 7.01 9.50 -7.09
N LYS B 133 7.33 8.63 -6.15
CA LYS B 133 7.27 7.15 -6.33
C LYS B 133 6.26 6.52 -5.38
N ARG B 134 5.49 7.38 -4.70
CA ARG B 134 4.56 6.87 -3.69
C ARG B 134 3.51 5.90 -4.34
N GLN B 135 3.37 4.72 -3.68
CA GLN B 135 2.36 3.78 -4.08
C GLN B 135 1.26 3.68 -3.03
N VAL B 136 1.51 4.17 -1.82
CA VAL B 136 0.55 3.96 -0.71
C VAL B 136 0.22 5.39 -0.24
N SER B 137 -1.07 5.77 -0.31
CA SER B 137 -1.47 7.09 0.17
C SER B 137 -1.37 7.21 1.71
N ILE B 138 -1.23 8.45 2.20
CA ILE B 138 -1.24 8.63 3.62
C ILE B 138 -2.63 8.18 4.20
N GLU B 139 -3.72 8.36 3.42
CA GLU B 139 -5.06 7.90 3.87
C GLU B 139 -5.09 6.36 4.10
N GLU B 140 -4.49 5.61 3.21
CA GLU B 140 -4.49 4.17 3.42
C GLU B 140 -3.71 3.77 4.68
N GLY B 141 -2.56 4.43 4.94
CA GLY B 141 -1.82 4.10 6.14
C GLY B 141 -2.65 4.46 7.40
N GLU B 142 -3.28 5.63 7.39
CA GLU B 142 -4.17 6.03 8.50
C GLU B 142 -5.33 5.05 8.72
N ARG B 143 -5.95 4.58 7.62
CA ARG B 143 -6.95 3.54 7.70
C ARG B 143 -6.49 2.25 8.34
N LYS B 144 -5.33 1.74 7.93
CA LYS B 144 -4.90 0.49 8.45
C LYS B 144 -4.60 0.69 9.94
N ALA B 145 -4.02 1.86 10.27
CA ALA B 145 -3.64 2.12 11.68
C ALA B 145 -4.94 2.12 12.53
N LYS B 146 -5.98 2.77 12.04
CA LYS B 146 -7.30 2.72 12.74
C LYS B 146 -7.93 1.35 12.87
N GLU B 147 -7.90 0.56 11.81
CA GLU B 147 -8.49 -0.79 11.81
C GLU B 147 -7.75 -1.70 12.76
N LEU B 148 -6.42 -1.54 12.81
CA LEU B 148 -5.65 -2.43 13.65
C LEU B 148 -5.37 -1.87 15.05
N ASN B 149 -5.90 -0.68 15.34
CA ASN B 149 -5.78 0.05 16.61
C ASN B 149 -4.29 0.24 17.01
N VAL B 150 -3.49 0.70 16.05
CA VAL B 150 -2.10 1.12 16.32
C VAL B 150 -1.90 2.62 16.00
N MET B 151 -0.77 3.19 16.48
CA MET B 151 -0.46 4.56 16.17
C MET B 151 0.07 4.58 14.75
N PHE B 152 0.11 5.77 14.19
CA PHE B 152 0.55 5.88 12.81
C PHE B 152 1.42 7.10 12.64
N ILE B 153 2.44 6.99 11.79
CA ILE B 153 3.23 8.21 11.45
C ILE B 153 3.93 7.99 10.08
N GLU B 154 4.21 9.04 9.32
CA GLU B 154 5.05 8.89 8.14
C GLU B 154 6.37 9.61 8.41
N THR B 155 7.46 9.03 7.90
CA THR B 155 8.83 9.49 8.13
C THR B 155 9.64 9.56 6.82
N SER B 156 10.73 10.31 6.88
CA SER B 156 11.87 10.10 6.01
C SER B 156 13.12 9.99 6.90
N ALA B 157 13.66 8.78 6.97
CA ALA B 157 14.95 8.60 7.63
C ALA B 157 15.98 9.45 6.94
N LYS B 158 15.95 9.49 5.60
CA LYS B 158 16.86 10.32 4.81
C LYS B 158 16.90 11.79 5.22
N ALA B 159 15.73 12.40 5.30
CA ALA B 159 15.66 13.79 5.66
C ALA B 159 15.67 14.02 7.17
N GLY B 160 15.37 13.01 7.96
CA GLY B 160 15.17 13.23 9.37
C GLY B 160 13.73 13.57 9.70
N TYR B 161 12.85 13.47 8.71
CA TYR B 161 11.49 13.94 8.90
C TYR B 161 10.71 13.01 9.87
N ASN B 162 10.22 13.56 11.00
CA ASN B 162 9.39 12.75 11.92
C ASN B 162 10.12 11.58 12.64
N VAL B 163 11.43 11.54 12.56
CA VAL B 163 12.14 10.47 13.24
C VAL B 163 12.11 10.69 14.78
N LYS B 164 12.47 11.90 15.23
CA LYS B 164 12.42 12.19 16.65
C LYS B 164 11.00 12.02 17.16
N GLN B 165 10.04 12.44 16.34
CA GLN B 165 8.63 12.39 16.68
C GLN B 165 8.09 10.97 16.83
N LEU B 166 8.56 10.08 15.95
CA LEU B 166 8.29 8.65 16.06
C LEU B 166 8.62 8.12 17.46
N PHE B 167 9.87 8.32 17.89
CA PHE B 167 10.30 7.75 19.18
C PHE B 167 9.68 8.45 20.39
N ARG B 168 9.48 9.75 20.27
CA ARG B 168 8.84 10.53 21.33
C ARG B 168 7.44 10.11 21.54
N ARG B 169 6.71 9.86 20.46
CA ARG B 169 5.34 9.41 20.63
C ARG B 169 5.28 8.01 21.20
N VAL B 170 6.21 7.15 20.81
CA VAL B 170 6.18 5.77 21.35
C VAL B 170 6.52 5.84 22.85
N ALA B 171 7.59 6.58 23.15
CA ALA B 171 8.06 6.75 24.52
C ALA B 171 6.98 7.30 25.42
N ALA B 172 6.28 8.34 24.97
CA ALA B 172 5.22 8.97 25.78
C ALA B 172 4.06 8.02 26.08
N ALA B 173 3.81 7.05 25.20
CA ALA B 173 2.73 6.10 25.43
C ALA B 173 3.06 4.88 26.32
N LEU B 174 4.32 4.74 26.73
CA LEU B 174 4.75 3.52 27.41
C LEU B 174 4.21 3.50 28.85
N PRO B 175 3.94 2.31 29.43
CA PRO B 175 3.42 2.22 30.83
C PRO B 175 4.23 3.03 31.88
#